data_5TEG
#
_entry.id   5TEG
#
_cell.length_a   44.310
_cell.length_b   45.059
_cell.length_c   52.649
_cell.angle_alpha   114.730
_cell.angle_beta   90.770
_cell.angle_gamma   90.810
#
_symmetry.space_group_name_H-M   'P 1'
#
loop_
_entity.id
_entity.type
_entity.pdbx_description
1 polymer 'N-lysine methyltransferase KMT5A'
2 polymer 'Histone H4 mutant peptide with H4K20norleucine'
3 non-polymer S-ADENOSYLMETHIONINE
4 water water
#
loop_
_entity_poly.entity_id
_entity_poly.type
_entity_poly.pdbx_seq_one_letter_code
_entity_poly.pdbx_strand_id
1 'polypeptide(L)'
;KSKAELQSEERKRIDELIESGKEEGMKIDLIDGKGRGVIATKQFSRGDFVVEYHGDLIEITDAKKREALYAQDPSTGCYM
YYFQYLSKTYCVDATRETNRLGRLINHSKSGNCQTKLHDIDGVPHLILIASRDIAAGEELLYDYGDRSKASIEAHPWLKH
;
A,B
2 'polypeptide(L)' KRHR(NLE)VLR D,E
#
loop_
_chem_comp.id
_chem_comp.type
_chem_comp.name
_chem_comp.formula
SAM non-polymer S-ADENOSYLMETHIONINE 'C15 H22 N6 O5 S'
#
# COMPACT_ATOMS: atom_id res chain seq x y z
N LYS A 1 -16.52 -1.26 -24.39
CA LYS A 1 -15.93 -2.52 -24.86
C LYS A 1 -16.49 -3.70 -24.07
N SER A 2 -16.52 -4.89 -24.67
CA SER A 2 -16.96 -6.10 -23.98
C SER A 2 -15.88 -6.52 -22.98
N LYS A 3 -16.29 -7.24 -21.91
CA LYS A 3 -15.37 -7.77 -20.89
C LYS A 3 -14.24 -8.55 -21.54
N ALA A 4 -14.55 -9.37 -22.57
CA ALA A 4 -13.59 -10.18 -23.33
C ALA A 4 -12.57 -9.33 -24.10
N GLU A 5 -13.03 -8.19 -24.70
CA GLU A 5 -12.16 -7.26 -25.44
C GLU A 5 -11.20 -6.63 -24.48
N LEU A 6 -11.70 -6.21 -23.31
CA LEU A 6 -10.89 -5.60 -22.28
C LEU A 6 -9.83 -6.56 -21.79
N GLN A 7 -10.20 -7.85 -21.61
CA GLN A 7 -9.26 -8.86 -21.13
C GLN A 7 -8.16 -9.17 -22.14
N SER A 8 -8.50 -9.26 -23.43
CA SER A 8 -7.55 -9.53 -24.50
C SER A 8 -6.53 -8.39 -24.65
N GLU A 9 -7.01 -7.14 -24.61
CA GLU A 9 -6.15 -5.96 -24.72
C GLU A 9 -5.19 -5.87 -23.51
N GLU A 10 -5.71 -6.19 -22.33
CA GLU A 10 -4.96 -6.18 -21.07
C GLU A 10 -3.87 -7.26 -21.10
N ARG A 11 -4.22 -8.48 -21.58
CA ARG A 11 -3.28 -9.58 -21.68
C ARG A 11 -2.17 -9.25 -22.63
N LYS A 12 -2.50 -8.58 -23.75
CA LYS A 12 -1.49 -8.21 -24.73
C LYS A 12 -0.51 -7.20 -24.15
N ARG A 13 -1.01 -6.27 -23.32
CA ARG A 13 -0.14 -5.31 -22.67
C ARG A 13 0.84 -5.97 -21.72
N ILE A 14 0.36 -6.94 -20.94
CA ILE A 14 1.24 -7.64 -20.00
C ILE A 14 2.26 -8.46 -20.79
N ASP A 15 1.82 -9.16 -21.85
CA ASP A 15 2.73 -9.96 -22.65
C ASP A 15 3.84 -9.11 -23.24
N GLU A 16 3.52 -7.89 -23.70
CA GLU A 16 4.52 -6.99 -24.25
C GLU A 16 5.50 -6.53 -23.18
N LEU A 17 5.02 -6.25 -21.96
CA LEU A 17 5.92 -5.86 -20.85
C LEU A 17 6.87 -7.01 -20.51
N ILE A 18 6.36 -8.26 -20.49
CA ILE A 18 7.21 -9.42 -20.21
C ILE A 18 8.22 -9.62 -21.33
N GLU A 19 7.75 -9.62 -22.58
CA GLU A 19 8.60 -9.84 -23.74
C GLU A 19 9.72 -8.81 -23.89
N SER A 20 9.41 -7.52 -23.69
CA SER A 20 10.38 -6.45 -23.86
C SER A 20 11.43 -6.39 -22.75
N GLY A 21 11.07 -6.89 -21.57
CA GLY A 21 11.97 -6.84 -20.42
C GLY A 21 12.11 -5.43 -19.88
N LYS A 22 11.17 -4.53 -20.24
CA LYS A 22 11.14 -3.15 -19.78
C LYS A 22 10.89 -3.17 -18.29
N GLU A 23 11.82 -2.59 -17.53
CA GLU A 23 11.75 -2.57 -16.07
C GLU A 23 11.84 -1.12 -15.59
N GLU A 24 10.83 -0.34 -15.97
CA GLU A 24 10.74 1.10 -15.68
C GLU A 24 10.16 1.40 -14.32
N GLY A 25 10.53 2.56 -13.78
CA GLY A 25 9.99 3.04 -12.53
C GLY A 25 10.58 2.44 -11.28
N MET A 26 11.78 1.88 -11.39
CA MET A 26 12.46 1.22 -10.29
C MET A 26 13.94 1.48 -10.34
N LYS A 27 14.59 1.43 -9.17
CA LYS A 27 16.05 1.53 -9.11
C LYS A 27 16.57 0.70 -7.96
N ILE A 28 17.79 0.20 -8.11
CA ILE A 28 18.46 -0.52 -7.02
C ILE A 28 18.88 0.48 -5.98
N ASP A 29 18.79 0.08 -4.72
CA ASP A 29 19.26 0.90 -3.62
C ASP A 29 19.74 -0.02 -2.52
N LEU A 30 20.67 0.43 -1.70
CA LEU A 30 21.05 -0.35 -0.55
C LEU A 30 20.00 -0.10 0.51
N ILE A 31 19.46 -1.16 1.08
CA ILE A 31 18.40 -1.08 2.10
C ILE A 31 18.96 -1.53 3.42
N ASP A 32 18.71 -0.75 4.47
CA ASP A 32 19.23 -1.05 5.79
C ASP A 32 18.88 -2.45 6.27
N GLY A 33 19.91 -3.25 6.52
CA GLY A 33 19.77 -4.61 7.00
C GLY A 33 19.36 -5.65 5.99
N LYS A 34 19.23 -5.27 4.71
CA LYS A 34 18.71 -6.23 3.73
C LYS A 34 19.64 -6.46 2.55
N GLY A 35 20.76 -5.75 2.46
CA GLY A 35 21.61 -5.81 1.28
C GLY A 35 21.07 -4.87 0.21
N ARG A 36 21.01 -5.32 -1.04
CA ARG A 36 20.41 -4.53 -2.10
C ARG A 36 18.91 -4.75 -2.05
N GLY A 37 18.18 -3.76 -2.50
CA GLY A 37 16.74 -3.84 -2.71
C GLY A 37 16.38 -2.96 -3.89
N VAL A 38 15.08 -2.87 -4.15
CA VAL A 38 14.58 -2.10 -5.27
C VAL A 38 13.59 -1.13 -4.72
N ILE A 39 13.74 0.14 -5.14
CA ILE A 39 12.81 1.19 -4.73
C ILE A 39 12.05 1.71 -5.98
N ALA A 40 10.79 2.06 -5.74
CA ALA A 40 9.93 2.67 -6.75
C ALA A 40 10.43 4.11 -7.02
N THR A 41 10.58 4.47 -8.28
CA THR A 41 10.98 5.83 -8.64
C THR A 41 9.79 6.59 -9.21
N LYS A 42 8.65 5.93 -9.31
CA LYS A 42 7.46 6.57 -9.81
C LYS A 42 6.32 6.05 -8.99
N GLN A 43 5.19 6.69 -9.14
CA GLN A 43 4.04 6.25 -8.45
C GLN A 43 3.43 5.03 -9.18
N PHE A 44 3.03 4.00 -8.44
CA PHE A 44 2.34 2.83 -8.98
C PHE A 44 0.92 2.83 -8.41
N SER A 45 -0.04 2.34 -9.20
CA SER A 45 -1.41 2.17 -8.75
C SER A 45 -1.64 0.72 -8.47
N ARG A 46 -2.57 0.42 -7.55
CA ARG A 46 -2.95 -0.95 -7.25
C ARG A 46 -3.30 -1.68 -8.53
N GLY A 47 -2.71 -2.86 -8.71
CA GLY A 47 -2.93 -3.66 -9.90
C GLY A 47 -1.93 -3.44 -11.02
N ASP A 48 -1.06 -2.39 -10.92
CA ASP A 48 -0.08 -2.11 -11.98
C ASP A 48 0.96 -3.22 -12.03
N PHE A 49 1.41 -3.54 -13.25
CA PHE A 49 2.51 -4.49 -13.45
C PHE A 49 3.73 -3.81 -12.88
N VAL A 50 4.52 -4.57 -12.11
CA VAL A 50 5.75 -4.05 -11.53
C VAL A 50 6.94 -4.62 -12.31
N VAL A 51 7.17 -5.92 -12.23
CA VAL A 51 8.36 -6.51 -12.86
C VAL A 51 8.20 -8.03 -12.89
N GLU A 52 8.86 -8.72 -13.82
CA GLU A 52 8.93 -10.16 -13.83
C GLU A 52 9.96 -10.63 -12.78
N TYR A 53 9.71 -11.77 -12.14
CA TYR A 53 10.74 -12.45 -11.36
C TYR A 53 11.42 -13.34 -12.41
N HIS A 54 12.49 -12.82 -13.02
CA HIS A 54 13.13 -13.42 -14.20
C HIS A 54 14.41 -14.13 -13.83
N GLY A 55 14.59 -15.33 -14.36
CA GLY A 55 15.78 -16.14 -14.14
C GLY A 55 15.67 -17.36 -15.02
N ASP A 56 16.22 -18.49 -14.60
CA ASP A 56 16.15 -19.70 -15.40
C ASP A 56 14.94 -20.54 -15.01
N LEU A 57 14.02 -20.80 -15.94
CA LEU A 57 12.87 -21.64 -15.65
C LEU A 57 13.30 -23.09 -15.74
N ILE A 58 13.15 -23.85 -14.65
CA ILE A 58 13.57 -25.26 -14.59
C ILE A 58 12.50 -26.09 -13.89
N GLU A 59 12.56 -27.39 -14.08
CA GLU A 59 11.64 -28.29 -13.42
C GLU A 59 12.14 -28.61 -12.01
N ILE A 60 11.25 -29.08 -11.13
CA ILE A 60 11.61 -29.33 -9.74
C ILE A 60 12.81 -30.28 -9.55
N THR A 61 12.96 -31.34 -10.36
CA THR A 61 14.07 -32.27 -10.19
C THR A 61 15.43 -31.58 -10.41
N ASP A 62 15.49 -30.71 -11.42
CA ASP A 62 16.70 -29.95 -11.75
C ASP A 62 16.93 -28.92 -10.65
N ALA A 63 15.84 -28.30 -10.13
CA ALA A 63 16.01 -27.35 -9.05
C ALA A 63 16.66 -28.02 -7.84
N LYS A 64 16.22 -29.24 -7.47
CA LYS A 64 16.80 -29.91 -6.31
C LYS A 64 18.28 -30.22 -6.50
N LYS A 65 18.68 -30.56 -7.73
CA LYS A 65 20.08 -30.81 -8.07
C LYS A 65 20.89 -29.52 -7.90
N ARG A 66 20.33 -28.38 -8.37
CA ARG A 66 21.03 -27.10 -8.22
C ARG A 66 21.12 -26.67 -6.76
N GLU A 67 20.09 -26.94 -5.95
CA GLU A 67 20.14 -26.60 -4.51
C GLU A 67 21.30 -27.32 -3.83
N ALA A 68 21.54 -28.60 -4.20
CA ALA A 68 22.63 -29.36 -3.61
C ALA A 68 23.96 -28.71 -3.96
N LEU A 69 24.11 -28.24 -5.20
CA LEU A 69 25.33 -27.57 -5.64
C LEU A 69 25.52 -26.22 -4.98
N TYR A 70 24.44 -25.42 -4.86
CA TYR A 70 24.55 -24.09 -4.24
C TYR A 70 24.88 -24.20 -2.76
N ALA A 71 24.41 -25.28 -2.11
CA ALA A 71 24.65 -25.50 -0.69
C ALA A 71 26.14 -25.78 -0.39
N GLN A 72 26.94 -26.07 -1.42
CA GLN A 72 28.38 -26.31 -1.25
C GLN A 72 29.11 -25.01 -1.01
N ASP A 73 28.49 -23.86 -1.42
CA ASP A 73 29.04 -22.51 -1.25
C ASP A 73 28.11 -21.67 -0.34
N PRO A 74 28.43 -21.52 0.96
CA PRO A 74 27.57 -20.71 1.83
C PRO A 74 27.55 -19.21 1.47
N SER A 75 28.46 -18.76 0.57
CA SER A 75 28.49 -17.37 0.16
C SER A 75 27.48 -17.06 -0.96
N THR A 76 26.80 -18.11 -1.47
CA THR A 76 25.80 -17.95 -2.49
C THR A 76 24.44 -17.82 -1.80
N GLY A 77 23.71 -16.82 -2.25
CA GLY A 77 22.38 -16.54 -1.70
C GLY A 77 21.25 -17.39 -2.24
N CYS A 78 20.01 -17.01 -1.86
CA CYS A 78 18.79 -17.77 -2.11
C CYS A 78 17.86 -17.05 -3.06
N TYR A 79 17.76 -17.60 -4.28
CA TYR A 79 17.01 -16.97 -5.36
C TYR A 79 16.11 -17.95 -6.10
N MET A 80 15.76 -19.05 -5.46
CA MET A 80 14.97 -20.07 -6.15
C MET A 80 13.51 -19.96 -5.77
N TYR A 81 12.68 -19.71 -6.78
CA TYR A 81 11.26 -19.41 -6.57
C TYR A 81 10.42 -20.52 -7.16
N TYR A 82 9.87 -21.35 -6.28
CA TYR A 82 9.08 -22.52 -6.66
C TYR A 82 7.63 -22.20 -6.85
N PHE A 83 6.99 -22.91 -7.80
CA PHE A 83 5.57 -22.71 -8.06
C PHE A 83 4.99 -23.87 -8.83
N GLN A 84 3.67 -23.97 -8.77
CA GLN A 84 2.97 -25.00 -9.54
C GLN A 84 2.40 -24.38 -10.79
N TYR A 85 2.50 -25.12 -11.90
CA TYR A 85 1.87 -24.72 -13.15
C TYR A 85 1.26 -25.98 -13.73
N LEU A 86 -0.06 -25.97 -13.75
CA LEU A 86 -0.86 -27.12 -14.17
C LEU A 86 -0.55 -28.31 -13.25
N SER A 87 -0.07 -29.45 -13.73
CA SER A 87 0.16 -30.60 -12.86
C SER A 87 1.62 -30.83 -12.47
N LYS A 88 2.48 -29.83 -12.66
CA LYS A 88 3.89 -29.96 -12.39
C LYS A 88 4.43 -28.80 -11.57
N THR A 89 5.54 -29.04 -10.88
CA THR A 89 6.20 -27.99 -10.10
C THR A 89 7.43 -27.54 -10.86
N TYR A 90 7.62 -26.21 -10.87
CA TYR A 90 8.76 -25.60 -11.54
C TYR A 90 9.43 -24.64 -10.56
N CYS A 91 10.52 -24.07 -11.01
CA CYS A 91 11.29 -23.12 -10.23
C CYS A 91 11.87 -22.09 -11.17
N VAL A 92 11.79 -20.82 -10.80
CA VAL A 92 12.57 -19.80 -11.46
C VAL A 92 13.85 -19.65 -10.61
N ASP A 93 14.96 -20.08 -11.16
CA ASP A 93 16.23 -19.98 -10.47
C ASP A 93 16.91 -18.71 -10.92
N ALA A 94 16.89 -17.68 -10.06
CA ALA A 94 17.54 -16.43 -10.42
C ALA A 94 18.88 -16.22 -9.70
N THR A 95 19.57 -17.33 -9.39
CA THR A 95 20.83 -17.24 -8.67
C THR A 95 21.90 -16.51 -9.46
N ARG A 96 21.96 -16.69 -10.76
CA ARG A 96 23.00 -16.04 -11.56
C ARG A 96 22.80 -14.51 -11.52
N GLU A 97 23.90 -13.74 -11.34
CA GLU A 97 23.83 -12.29 -11.28
C GLU A 97 23.62 -11.71 -12.65
N THR A 98 22.47 -11.04 -12.85
CA THR A 98 22.11 -10.43 -14.12
C THR A 98 21.75 -8.98 -13.83
N ASN A 99 21.30 -8.29 -14.85
CA ASN A 99 20.85 -6.92 -14.72
C ASN A 99 19.35 -6.83 -14.37
N ARG A 100 18.65 -7.97 -14.20
CA ARG A 100 17.22 -7.97 -13.95
C ARG A 100 16.89 -7.60 -12.53
N LEU A 101 15.83 -6.82 -12.31
CA LEU A 101 15.53 -6.32 -10.98
C LEU A 101 14.63 -7.14 -10.11
N GLY A 102 13.78 -7.99 -10.67
CA GLY A 102 12.85 -8.73 -9.83
C GLY A 102 13.51 -9.54 -8.73
N ARG A 103 14.67 -10.16 -9.08
CA ARG A 103 15.46 -10.98 -8.18
C ARG A 103 16.11 -10.19 -7.04
N LEU A 104 16.02 -8.85 -7.06
CA LEU A 104 16.57 -8.02 -6.00
C LEU A 104 15.56 -7.52 -5.01
N ILE A 105 14.32 -7.90 -5.17
CA ILE A 105 13.24 -7.45 -4.31
C ILE A 105 13.22 -8.24 -3.00
N ASN A 106 13.14 -7.55 -1.88
CA ASN A 106 13.18 -8.14 -0.55
C ASN A 106 11.82 -8.61 -0.03
N HIS A 107 11.84 -9.28 1.12
CA HIS A 107 10.67 -9.89 1.72
C HIS A 107 9.98 -9.07 2.76
N SER A 108 8.66 -9.15 2.77
CA SER A 108 7.84 -8.69 3.88
C SER A 108 6.54 -9.45 3.81
N LYS A 109 5.93 -9.73 5.00
CA LYS A 109 4.58 -10.32 5.04
C LYS A 109 3.53 -9.25 4.84
N SER A 110 3.90 -7.97 4.93
CA SER A 110 2.94 -6.89 4.69
C SER A 110 3.54 -5.90 3.70
N GLY A 111 3.89 -6.45 2.54
CA GLY A 111 4.55 -5.73 1.47
C GLY A 111 3.61 -5.00 0.52
N ASN A 112 4.09 -4.72 -0.68
CA ASN A 112 3.31 -3.94 -1.65
C ASN A 112 3.20 -4.60 -3.01
N CYS A 113 3.73 -5.86 -3.17
CA CYS A 113 3.66 -6.56 -4.45
C CYS A 113 3.09 -7.93 -4.16
N GLN A 114 2.43 -8.46 -5.15
CA GLN A 114 1.87 -9.79 -5.14
C GLN A 114 2.38 -10.55 -6.37
N THR A 115 2.97 -11.72 -6.16
CA THR A 115 3.38 -12.59 -7.28
C THR A 115 2.20 -13.29 -7.93
N LYS A 116 2.18 -13.31 -9.26
CA LYS A 116 1.12 -13.97 -10.01
C LYS A 116 1.78 -14.78 -11.08
N LEU A 117 1.15 -15.89 -11.44
CA LEU A 117 1.58 -16.69 -12.58
C LEU A 117 0.88 -16.12 -13.82
N HIS A 118 1.61 -15.86 -14.87
CA HIS A 118 1.09 -15.36 -16.13
C HIS A 118 1.68 -16.24 -17.22
N ASP A 119 0.83 -17.00 -17.92
CA ASP A 119 1.36 -17.88 -18.96
C ASP A 119 1.23 -17.21 -20.33
N ILE A 120 2.26 -17.40 -21.15
CA ILE A 120 2.31 -16.92 -22.52
C ILE A 120 2.52 -18.16 -23.38
N ASP A 121 1.53 -18.49 -24.21
CA ASP A 121 1.58 -19.65 -25.09
C ASP A 121 2.06 -20.95 -24.37
N GLY A 122 1.54 -21.21 -23.17
CA GLY A 122 1.87 -22.43 -22.43
C GLY A 122 3.17 -22.41 -21.66
N VAL A 123 3.87 -21.24 -21.61
CA VAL A 123 5.12 -21.03 -20.86
C VAL A 123 4.75 -20.15 -19.65
N PRO A 124 5.03 -20.62 -18.43
CA PRO A 124 4.69 -19.80 -17.25
C PRO A 124 5.76 -18.74 -16.97
N HIS A 125 5.29 -17.60 -16.46
CA HIS A 125 6.15 -16.50 -16.01
C HIS A 125 5.64 -16.08 -14.64
N LEU A 126 6.56 -15.73 -13.72
CA LEU A 126 6.17 -15.16 -12.43
C LEU A 126 6.31 -13.70 -12.53
N ILE A 127 5.24 -12.98 -12.29
CA ILE A 127 5.25 -11.52 -12.33
C ILE A 127 4.83 -10.91 -11.01
N LEU A 128 5.34 -9.73 -10.73
CA LEU A 128 4.93 -9.02 -9.52
C LEU A 128 3.98 -7.89 -9.92
N ILE A 129 2.84 -7.81 -9.24
CA ILE A 129 1.80 -6.81 -9.44
C ILE A 129 1.70 -5.99 -8.18
N ALA A 130 1.45 -4.69 -8.30
CA ALA A 130 1.27 -3.87 -7.10
C ALA A 130 0.00 -4.30 -6.38
N SER A 131 0.11 -4.65 -5.09
CA SER A 131 -1.06 -5.04 -4.29
C SER A 131 -1.81 -3.85 -3.69
N ARG A 132 -1.23 -2.67 -3.82
CA ARG A 132 -1.75 -1.40 -3.31
C ARG A 132 -1.06 -0.31 -4.08
N ASP A 133 -1.49 0.97 -3.91
CA ASP A 133 -0.80 2.12 -4.48
C ASP A 133 0.59 2.15 -3.80
N ILE A 134 1.62 2.44 -4.56
CA ILE A 134 3.03 2.53 -4.13
C ILE A 134 3.52 3.90 -4.40
N ALA A 135 4.01 4.55 -3.36
CA ALA A 135 4.54 5.89 -3.50
C ALA A 135 5.95 5.84 -4.01
N ALA A 136 6.34 6.83 -4.78
CA ALA A 136 7.71 6.99 -5.21
C ALA A 136 8.56 7.05 -3.95
N GLY A 137 9.65 6.30 -3.96
CA GLY A 137 10.60 6.23 -2.86
C GLY A 137 10.43 4.99 -1.98
N GLU A 138 9.28 4.28 -2.08
CA GLU A 138 9.07 3.09 -1.24
C GLU A 138 9.89 1.92 -1.75
N GLU A 139 10.36 1.11 -0.82
CA GLU A 139 11.02 -0.15 -1.18
C GLU A 139 9.92 -1.15 -1.59
N LEU A 140 10.17 -1.83 -2.72
CA LEU A 140 9.27 -2.88 -3.17
C LEU A 140 9.50 -4.13 -2.35
N LEU A 141 8.43 -4.79 -1.94
CA LEU A 141 8.53 -5.98 -1.07
C LEU A 141 7.39 -6.93 -1.31
N TYR A 142 7.66 -8.25 -1.21
CA TYR A 142 6.59 -9.25 -1.29
C TYR A 142 6.85 -10.37 -0.31
N ASP A 143 5.86 -11.22 -0.09
CA ASP A 143 6.02 -12.30 0.85
C ASP A 143 6.71 -13.47 0.17
N TYR A 144 7.91 -13.86 0.64
CA TYR A 144 8.60 -14.97 0.02
C TYR A 144 7.87 -16.30 0.24
N GLY A 145 7.05 -16.39 1.30
CA GLY A 145 6.21 -17.54 1.51
C GLY A 145 6.87 -18.77 2.08
N ASP A 146 8.05 -18.63 2.69
CA ASP A 146 8.75 -19.75 3.28
C ASP A 146 8.49 -19.71 4.78
N ARG A 147 7.70 -20.71 5.23
CA ARG A 147 7.19 -20.88 6.59
C ARG A 147 7.92 -22.04 7.31
N SER A 148 8.99 -22.57 6.72
CA SER A 148 9.73 -23.66 7.33
C SER A 148 10.46 -23.23 8.63
N LYS A 149 10.34 -24.04 9.69
CA LYS A 149 11.00 -23.78 10.98
C LYS A 149 12.52 -23.61 10.81
N ALA A 150 13.15 -24.42 9.98
CA ALA A 150 14.57 -24.34 9.75
C ALA A 150 14.92 -23.07 9.03
N SER A 151 14.08 -22.63 8.08
CA SER A 151 14.39 -21.40 7.34
C SER A 151 14.26 -20.21 8.28
N ILE A 152 13.20 -20.14 9.06
CA ILE A 152 12.97 -19.04 9.96
C ILE A 152 14.10 -18.94 11.00
N GLU A 153 14.58 -20.09 11.51
CA GLU A 153 15.67 -20.11 12.48
C GLU A 153 16.92 -19.45 11.89
N ALA A 154 17.25 -19.76 10.64
CA ALA A 154 18.44 -19.28 9.95
C ALA A 154 18.30 -17.87 9.37
N HIS A 155 17.05 -17.46 9.12
CA HIS A 155 16.74 -16.19 8.46
C HIS A 155 15.56 -15.57 9.22
N PRO A 156 15.83 -15.01 10.43
CA PRO A 156 14.74 -14.55 11.30
C PRO A 156 13.83 -13.46 10.75
N TRP A 157 14.30 -12.72 9.75
CA TRP A 157 13.49 -11.70 9.10
C TRP A 157 12.31 -12.31 8.33
N LEU A 158 12.30 -13.64 8.12
CA LEU A 158 11.14 -14.28 7.47
C LEU A 158 9.88 -14.22 8.33
N LYS A 159 10.01 -13.90 9.67
CA LYS A 159 8.88 -13.84 10.61
C LYS A 159 7.98 -12.65 10.41
N HIS A 160 8.50 -11.59 9.78
CA HIS A 160 7.77 -10.36 9.55
C HIS A 160 7.78 -9.92 8.11
N LYS B 3 -11.69 -6.39 29.89
CA LYS B 3 -12.03 -5.53 28.77
C LYS B 3 -12.03 -4.04 29.14
N ALA B 4 -12.52 -3.70 30.36
CA ALA B 4 -12.57 -2.32 30.87
C ALA B 4 -11.17 -1.74 31.01
N GLU B 5 -10.19 -2.59 31.40
CA GLU B 5 -8.79 -2.24 31.56
C GLU B 5 -8.23 -1.90 30.18
N LEU B 6 -8.47 -2.78 29.20
CA LEU B 6 -7.98 -2.61 27.83
C LEU B 6 -8.56 -1.39 27.18
N GLN B 7 -9.87 -1.14 27.34
CA GLN B 7 -10.56 0.04 26.77
C GLN B 7 -10.05 1.34 27.40
N SER B 8 -9.83 1.35 28.73
CA SER B 8 -9.33 2.54 29.41
C SER B 8 -7.92 2.86 28.92
N GLU B 9 -7.08 1.83 28.70
CA GLU B 9 -5.72 1.99 28.19
C GLU B 9 -5.74 2.45 26.73
N GLU B 10 -6.66 1.94 25.94
CA GLU B 10 -6.87 2.32 24.54
C GLU B 10 -7.30 3.80 24.47
N ARG B 11 -8.29 4.20 25.28
CA ARG B 11 -8.77 5.57 25.31
C ARG B 11 -7.67 6.50 25.77
N LYS B 12 -6.84 6.08 26.77
CA LYS B 12 -5.74 6.90 27.28
C LYS B 12 -4.74 7.18 26.15
N ARG B 13 -4.37 6.14 25.37
CA ARG B 13 -3.42 6.32 24.26
C ARG B 13 -3.95 7.30 23.23
N ILE B 14 -5.19 7.11 22.79
CA ILE B 14 -5.84 7.95 21.78
C ILE B 14 -6.00 9.35 22.26
N ASP B 15 -6.60 9.53 23.43
CA ASP B 15 -6.89 10.87 23.89
C ASP B 15 -5.67 11.69 24.14
N GLU B 16 -4.58 11.09 24.61
CA GLU B 16 -3.36 11.88 24.81
C GLU B 16 -2.74 12.34 23.47
N LEU B 17 -2.84 11.49 22.40
CA LEU B 17 -2.36 11.91 21.06
C LEU B 17 -3.27 12.97 20.45
N ILE B 18 -4.59 12.83 20.64
CA ILE B 18 -5.52 13.84 20.13
C ILE B 18 -5.22 15.18 20.78
N GLU B 19 -5.08 15.16 22.14
CA GLU B 19 -4.90 16.41 22.86
C GLU B 19 -3.56 17.06 22.61
N SER B 20 -2.50 16.29 22.40
CA SER B 20 -1.19 16.90 22.18
C SER B 20 -1.06 17.47 20.75
N GLY B 21 -1.72 16.80 19.79
CA GLY B 21 -1.70 17.17 18.37
C GLY B 21 -0.30 17.23 17.79
N LYS B 22 0.65 16.44 18.33
CA LYS B 22 2.04 16.47 17.85
C LYS B 22 2.21 15.88 16.47
N GLU B 23 1.38 14.90 16.14
CA GLU B 23 1.35 14.29 14.81
C GLU B 23 2.74 13.78 14.41
N GLU B 24 3.36 13.05 15.35
CA GLU B 24 4.70 12.50 15.11
C GLU B 24 4.61 11.28 14.19
N GLY B 25 5.69 11.03 13.45
CA GLY B 25 5.76 9.87 12.56
C GLY B 25 5.17 10.05 11.18
N MET B 26 4.96 11.31 10.75
CA MET B 26 4.37 11.64 9.45
C MET B 26 5.05 12.87 8.88
N LYS B 27 5.07 12.97 7.56
CA LYS B 27 5.62 14.17 6.91
C LYS B 27 4.83 14.45 5.66
N ILE B 28 4.85 15.70 5.21
CA ILE B 28 4.21 16.04 3.94
C ILE B 28 5.15 15.72 2.81
N ASP B 29 4.58 15.28 1.69
CA ASP B 29 5.33 15.14 0.44
C ASP B 29 4.42 15.48 -0.73
N LEU B 30 5.00 15.68 -1.88
CA LEU B 30 4.23 15.88 -3.09
C LEU B 30 4.05 14.52 -3.73
N ILE B 31 2.80 14.19 -4.06
CA ILE B 31 2.46 12.88 -4.64
C ILE B 31 1.93 13.13 -6.02
N ASP B 32 2.53 12.47 -7.02
CA ASP B 32 2.19 12.66 -8.40
C ASP B 32 0.70 12.48 -8.65
N GLY B 33 0.08 13.54 -9.15
CA GLY B 33 -1.34 13.58 -9.48
C GLY B 33 -2.29 13.76 -8.32
N LYS B 34 -1.78 13.94 -7.08
CA LYS B 34 -2.66 14.10 -5.93
C LYS B 34 -2.48 15.40 -5.19
N GLY B 35 -1.42 16.14 -5.49
CA GLY B 35 -1.12 17.36 -4.74
C GLY B 35 -0.22 16.97 -3.58
N ARG B 36 -0.47 17.52 -2.42
CA ARG B 36 0.26 17.13 -1.24
C ARG B 36 -0.34 15.81 -0.74
N GLY B 37 0.46 15.06 -0.04
CA GLY B 37 0.01 13.88 0.69
C GLY B 37 0.82 13.71 1.95
N VAL B 38 0.52 12.69 2.75
CA VAL B 38 1.24 12.46 3.97
C VAL B 38 1.86 11.08 3.93
N ILE B 39 3.16 11.01 4.19
CA ILE B 39 3.93 9.78 4.21
C ILE B 39 4.25 9.42 5.65
N ALA B 40 4.11 8.13 6.00
CA ALA B 40 4.53 7.69 7.32
C ALA B 40 6.06 7.66 7.40
N THR B 41 6.63 8.16 8.49
CA THR B 41 8.09 8.12 8.66
C THR B 41 8.46 7.11 9.73
N LYS B 42 7.47 6.41 10.26
CA LYS B 42 7.65 5.34 11.22
C LYS B 42 6.60 4.30 10.91
N GLN B 43 6.75 3.13 11.50
CA GLN B 43 5.77 2.08 11.38
C GLN B 43 4.56 2.37 12.29
N PHE B 44 3.37 2.02 11.82
CA PHE B 44 2.17 2.07 12.64
C PHE B 44 1.61 0.65 12.62
N SER B 45 1.17 0.16 13.74
CA SER B 45 0.57 -1.16 13.79
C SER B 45 -0.92 -1.10 13.57
N ARG B 46 -1.49 -2.20 13.10
CA ARG B 46 -2.92 -2.28 12.91
C ARG B 46 -3.64 -1.85 14.20
N GLY B 47 -4.63 -0.95 14.07
CA GLY B 47 -5.40 -0.47 15.21
C GLY B 47 -4.88 0.79 15.85
N ASP B 48 -3.64 1.21 15.52
CA ASP B 48 -3.04 2.39 16.12
C ASP B 48 -3.67 3.67 15.66
N PHE B 49 -3.73 4.64 16.54
CA PHE B 49 -4.13 5.98 16.20
C PHE B 49 -3.08 6.54 15.24
N VAL B 50 -3.54 7.18 14.17
CA VAL B 50 -2.61 7.79 13.26
C VAL B 50 -2.68 9.31 13.41
N VAL B 51 -3.85 9.92 13.16
CA VAL B 51 -3.96 11.37 13.23
C VAL B 51 -5.43 11.73 13.32
N GLU B 52 -5.72 12.94 13.84
CA GLU B 52 -7.08 13.44 13.84
C GLU B 52 -7.36 14.18 12.48
N TYR B 53 -8.60 14.10 11.99
CA TYR B 53 -9.01 14.99 10.91
C TYR B 53 -9.48 16.26 11.67
N HIS B 54 -8.59 17.24 11.72
CA HIS B 54 -8.77 18.45 12.53
C HIS B 54 -9.07 19.66 11.69
N GLY B 55 -10.08 20.41 12.12
CA GLY B 55 -10.54 21.62 11.48
C GLY B 55 -11.60 22.27 12.35
N ASP B 56 -12.48 23.00 11.73
CA ASP B 56 -13.54 23.67 12.49
C ASP B 56 -14.75 22.74 12.60
N LEU B 57 -15.16 22.40 13.80
CA LEU B 57 -16.34 21.54 14.02
C LEU B 57 -17.58 22.44 13.97
N ILE B 58 -18.46 22.22 12.97
CA ILE B 58 -19.66 23.05 12.78
C ILE B 58 -20.90 22.20 12.62
N GLU B 59 -22.07 22.84 12.76
CA GLU B 59 -23.32 22.15 12.57
C GLU B 59 -23.82 22.38 11.15
N ILE B 60 -24.92 21.71 10.78
CA ILE B 60 -25.40 21.69 9.41
C ILE B 60 -25.76 23.04 8.80
N THR B 61 -26.38 23.94 9.57
CA THR B 61 -26.77 25.21 8.96
C THR B 61 -25.55 26.05 8.59
N ASP B 62 -24.47 26.04 9.45
CA ASP B 62 -23.25 26.76 9.12
C ASP B 62 -22.55 26.04 7.98
N ALA B 63 -22.58 24.69 7.96
CA ALA B 63 -21.92 24.00 6.84
C ALA B 63 -22.55 24.34 5.47
N LYS B 64 -23.90 24.46 5.40
CA LYS B 64 -24.59 24.79 4.15
C LYS B 64 -24.19 26.20 3.67
N LYS B 65 -24.08 27.13 4.63
CA LYS B 65 -23.69 28.52 4.35
C LYS B 65 -22.28 28.57 3.84
N ARG B 66 -21.36 27.82 4.50
CA ARG B 66 -19.99 27.80 4.04
C ARG B 66 -19.82 27.15 2.69
N GLU B 67 -20.53 26.02 2.42
CA GLU B 67 -20.46 25.33 1.12
C GLU B 67 -20.90 26.22 -0.01
N ALA B 68 -21.97 27.04 0.22
CA ALA B 68 -22.47 27.97 -0.79
C ALA B 68 -21.39 28.98 -1.19
N LEU B 69 -20.62 29.46 -0.20
CA LEU B 69 -19.52 30.40 -0.39
C LEU B 69 -18.32 29.74 -1.08
N TYR B 70 -17.92 28.52 -0.64
CA TYR B 70 -16.81 27.81 -1.30
C TYR B 70 -17.10 27.45 -2.75
N ALA B 71 -18.36 27.12 -3.06
CA ALA B 71 -18.79 26.74 -4.41
C ALA B 71 -18.61 27.88 -5.44
N GLN B 72 -18.55 29.15 -4.95
CA GLN B 72 -18.38 30.34 -5.78
C GLN B 72 -16.91 30.60 -6.12
N ASP B 73 -15.99 29.87 -5.45
CA ASP B 73 -14.56 29.97 -5.70
C ASP B 73 -13.97 28.62 -6.16
N PRO B 74 -13.80 28.43 -7.49
CA PRO B 74 -13.28 27.15 -8.01
C PRO B 74 -11.92 26.70 -7.50
N SER B 75 -11.04 27.64 -7.12
CA SER B 75 -9.70 27.36 -6.59
C SER B 75 -9.74 26.81 -5.15
N THR B 76 -10.90 26.92 -4.47
CA THR B 76 -11.04 26.41 -3.12
C THR B 76 -11.20 24.89 -3.20
N GLY B 77 -10.35 24.19 -2.48
CA GLY B 77 -10.42 22.73 -2.42
C GLY B 77 -11.57 22.22 -1.57
N CYS B 78 -11.63 20.88 -1.45
CA CYS B 78 -12.70 20.13 -0.78
C CYS B 78 -12.20 19.48 0.49
N TYR B 79 -12.55 20.07 1.63
CA TYR B 79 -12.05 19.67 2.95
C TYR B 79 -13.17 19.50 3.95
N MET B 80 -14.41 19.40 3.53
CA MET B 80 -15.51 19.31 4.46
C MET B 80 -15.87 17.84 4.72
N TYR B 81 -15.81 17.42 5.99
CA TYR B 81 -16.01 16.03 6.35
C TYR B 81 -17.25 15.92 7.23
N TYR B 82 -18.29 15.34 6.67
CA TYR B 82 -19.58 15.23 7.34
C TYR B 82 -19.74 13.94 8.08
N PHE B 83 -20.50 13.98 9.22
CA PHE B 83 -20.75 12.80 10.00
C PHE B 83 -21.99 12.97 10.83
N GLN B 84 -22.55 11.87 11.26
CA GLN B 84 -23.75 11.87 12.12
C GLN B 84 -23.31 11.64 13.55
N TYR B 85 -23.88 12.41 14.50
CA TYR B 85 -23.58 12.27 15.92
C TYR B 85 -24.85 12.60 16.66
N LEU B 86 -25.33 11.63 17.48
CA LEU B 86 -26.58 11.78 18.25
C LEU B 86 -27.77 12.31 17.38
N SER B 87 -27.99 11.66 16.21
CA SER B 87 -29.07 11.92 15.25
C SER B 87 -29.01 13.30 14.60
N LYS B 88 -27.82 13.94 14.61
CA LYS B 88 -27.68 15.25 13.95
C LYS B 88 -26.47 15.19 13.03
N THR B 89 -26.41 16.08 12.06
CA THR B 89 -25.26 16.13 11.13
C THR B 89 -24.31 17.19 11.59
N TYR B 90 -23.01 16.84 11.61
CA TYR B 90 -21.96 17.79 11.88
C TYR B 90 -20.94 17.73 10.76
N CYS B 91 -20.02 18.69 10.78
CA CYS B 91 -18.99 18.74 9.75
C CYS B 91 -17.70 19.22 10.37
N VAL B 92 -16.58 18.56 10.03
CA VAL B 92 -15.27 19.10 10.33
C VAL B 92 -14.85 19.82 9.04
N ASP B 93 -14.81 21.14 9.08
CA ASP B 93 -14.44 21.93 7.94
C ASP B 93 -12.98 22.29 8.06
N ALA B 94 -12.13 21.61 7.29
CA ALA B 94 -10.70 21.88 7.37
C ALA B 94 -10.20 22.66 6.12
N THR B 95 -11.09 23.54 5.59
CA THR B 95 -10.69 24.28 4.39
C THR B 95 -9.53 25.25 4.64
N ARG B 96 -9.51 25.92 5.79
CA ARG B 96 -8.49 26.89 6.08
C ARG B 96 -7.16 26.19 6.16
N GLU B 97 -6.14 26.75 5.53
CA GLU B 97 -4.81 26.17 5.62
C GLU B 97 -4.27 26.30 7.04
N THR B 98 -3.75 25.21 7.60
CA THR B 98 -3.13 25.14 8.91
C THR B 98 -1.90 24.24 8.77
N ASN B 99 -1.24 23.96 9.87
CA ASN B 99 -0.11 23.05 9.82
C ASN B 99 -0.55 21.62 10.13
N ARG B 100 -1.87 21.39 10.34
CA ARG B 100 -2.35 20.04 10.67
C ARG B 100 -2.28 19.10 9.49
N LEU B 101 -1.95 17.83 9.75
CA LEU B 101 -1.73 16.88 8.66
C LEU B 101 -2.90 16.03 8.26
N GLY B 102 -3.91 15.90 9.12
CA GLY B 102 -5.02 15.01 8.74
C GLY B 102 -5.71 15.45 7.45
N ARG B 103 -5.83 16.76 7.26
CA ARG B 103 -6.46 17.37 6.13
C ARG B 103 -5.67 17.22 4.83
N LEU B 104 -4.42 16.74 4.90
CA LEU B 104 -3.60 16.55 3.71
C LEU B 104 -3.54 15.10 3.28
N ILE B 105 -4.28 14.20 3.91
CA ILE B 105 -4.27 12.78 3.55
C ILE B 105 -5.20 12.54 2.36
N ASN B 106 -4.71 11.76 1.41
CA ASN B 106 -5.44 11.47 0.20
C ASN B 106 -6.34 10.22 0.30
N HIS B 107 -7.16 10.07 -0.73
CA HIS B 107 -8.20 9.04 -0.79
C HIS B 107 -7.75 7.76 -1.44
N SER B 108 -8.24 6.64 -0.91
CA SER B 108 -8.23 5.34 -1.58
C SER B 108 -9.37 4.54 -1.02
N LYS B 109 -9.97 3.68 -1.86
CA LYS B 109 -10.96 2.73 -1.36
C LYS B 109 -10.25 1.51 -0.78
N SER B 110 -8.93 1.36 -1.01
CA SER B 110 -8.11 0.24 -0.51
C SER B 110 -6.88 0.83 0.18
N GLY B 111 -7.16 1.71 1.13
CA GLY B 111 -6.12 2.43 1.84
C GLY B 111 -5.56 1.70 3.05
N ASN B 112 -4.99 2.45 3.97
CA ASN B 112 -4.39 1.89 5.16
C ASN B 112 -4.91 2.50 6.44
N CYS B 113 -5.87 3.46 6.34
CA CYS B 113 -6.46 4.07 7.53
C CYS B 113 -7.96 3.99 7.39
N GLN B 114 -8.63 4.05 8.52
CA GLN B 114 -10.08 4.08 8.56
C GLN B 114 -10.49 5.21 9.49
N THR B 115 -11.49 6.03 9.11
CA THR B 115 -11.96 7.11 9.97
C THR B 115 -12.97 6.55 10.96
N LYS B 116 -12.86 6.99 12.23
CA LYS B 116 -13.77 6.59 13.31
C LYS B 116 -14.21 7.86 14.01
N LEU B 117 -15.41 7.81 14.57
CA LEU B 117 -15.96 8.87 15.40
C LEU B 117 -15.48 8.50 16.80
N HIS B 118 -14.86 9.44 17.51
CA HIS B 118 -14.37 9.24 18.86
C HIS B 118 -14.79 10.39 19.74
N ASP B 119 -15.48 10.13 20.84
CA ASP B 119 -15.88 11.25 21.69
C ASP B 119 -14.97 11.45 22.89
N ILE B 120 -14.72 12.70 23.25
CA ILE B 120 -13.96 12.99 24.47
C ILE B 120 -14.80 13.94 25.26
N ASP B 121 -15.31 13.49 26.44
CA ASP B 121 -16.11 14.35 27.33
C ASP B 121 -17.22 15.11 26.55
N GLY B 122 -17.95 14.38 25.72
CA GLY B 122 -19.07 14.96 24.99
C GLY B 122 -18.76 15.73 23.71
N VAL B 123 -17.48 15.76 23.32
CA VAL B 123 -17.06 16.44 22.09
C VAL B 123 -16.66 15.38 21.04
N PRO B 124 -17.30 15.37 19.85
CA PRO B 124 -16.91 14.39 18.82
C PRO B 124 -15.64 14.80 18.07
N HIS B 125 -14.82 13.79 17.77
CA HIS B 125 -13.59 13.92 16.99
C HIS B 125 -13.57 12.87 15.89
N LEU B 126 -13.11 13.27 14.68
CA LEU B 126 -12.89 12.32 13.58
C LEU B 126 -11.45 11.91 13.61
N ILE B 127 -11.21 10.62 13.79
CA ILE B 127 -9.82 10.13 13.87
C ILE B 127 -9.53 9.07 12.86
N LEU B 128 -8.27 9.01 12.41
CA LEU B 128 -7.85 7.96 11.50
C LEU B 128 -7.08 6.93 12.31
N ILE B 129 -7.49 5.67 12.19
CA ILE B 129 -6.86 4.51 12.84
C ILE B 129 -6.23 3.66 11.71
N ALA B 130 -5.07 3.05 11.95
CA ALA B 130 -4.46 2.16 10.94
C ALA B 130 -5.30 0.91 10.77
N SER B 131 -5.66 0.58 9.53
CA SER B 131 -6.52 -0.58 9.29
C SER B 131 -5.69 -1.85 9.12
N ARG B 132 -4.37 -1.67 9.04
CA ARG B 132 -3.39 -2.75 8.89
C ARG B 132 -2.06 -2.15 9.32
N ASP B 133 -1.01 -2.96 9.40
CA ASP B 133 0.30 -2.41 9.69
C ASP B 133 0.68 -1.49 8.52
N ILE B 134 1.29 -0.37 8.84
CA ILE B 134 1.73 0.63 7.88
C ILE B 134 3.25 0.71 7.96
N ALA B 135 3.93 0.56 6.83
CA ALA B 135 5.38 0.66 6.82
C ALA B 135 5.85 2.11 6.64
N ALA B 136 7.02 2.49 7.20
CA ALA B 136 7.60 3.83 6.94
C ALA B 136 7.81 3.93 5.41
N GLY B 137 7.49 5.09 4.84
CA GLY B 137 7.59 5.32 3.41
C GLY B 137 6.26 5.29 2.69
N GLU B 138 5.25 4.62 3.31
CA GLU B 138 3.90 4.55 2.74
C GLU B 138 3.17 5.86 2.80
N GLU B 139 2.38 6.13 1.76
CA GLU B 139 1.43 7.25 1.82
C GLU B 139 0.25 6.78 2.68
N LEU B 140 -0.20 7.65 3.59
CA LEU B 140 -1.44 7.42 4.34
C LEU B 140 -2.61 7.67 3.41
N LEU B 141 -3.63 6.78 3.44
CA LEU B 141 -4.78 6.88 2.55
C LEU B 141 -6.00 6.32 3.27
N TYR B 142 -7.16 6.93 3.06
CA TYR B 142 -8.42 6.38 3.63
C TYR B 142 -9.54 6.66 2.64
N ASP B 143 -10.70 6.00 2.86
CA ASP B 143 -11.82 6.18 1.97
C ASP B 143 -12.57 7.45 2.35
N TYR B 144 -12.61 8.43 1.44
CA TYR B 144 -13.35 9.66 1.68
C TYR B 144 -14.84 9.42 1.81
N GLY B 145 -15.35 8.35 1.19
CA GLY B 145 -16.74 7.99 1.41
C GLY B 145 -17.77 8.62 0.49
N ASP B 146 -17.36 9.54 -0.37
CA ASP B 146 -18.32 10.14 -1.31
C ASP B 146 -18.38 9.25 -2.56
N ARG B 147 -19.53 8.60 -2.74
CA ARG B 147 -19.75 7.70 -3.87
C ARG B 147 -20.78 8.25 -4.84
N SER B 148 -21.21 9.49 -4.69
CA SER B 148 -22.24 10.04 -5.57
C SER B 148 -21.78 10.09 -7.00
N LYS B 149 -22.72 9.94 -7.95
CA LYS B 149 -22.39 9.95 -9.36
C LYS B 149 -21.78 11.31 -9.77
N ALA B 150 -22.31 12.42 -9.27
CA ALA B 150 -21.78 13.72 -9.61
C ALA B 150 -20.35 13.87 -9.15
N SER B 151 -20.06 13.39 -7.93
CA SER B 151 -18.68 13.50 -7.43
C SER B 151 -17.75 12.61 -8.17
N ILE B 152 -18.12 11.37 -8.44
CA ILE B 152 -17.22 10.45 -9.09
C ILE B 152 -16.94 10.81 -10.54
N GLU B 153 -17.93 11.38 -11.23
CA GLU B 153 -17.69 11.76 -12.63
C GLU B 153 -16.79 12.98 -12.72
N ALA B 154 -16.90 13.92 -11.76
CA ALA B 154 -16.02 15.11 -11.72
C ALA B 154 -14.66 14.82 -11.09
N HIS B 155 -14.56 13.78 -10.25
CA HIS B 155 -13.31 13.44 -9.53
C HIS B 155 -13.15 11.93 -9.67
N PRO B 156 -12.74 11.43 -10.83
CA PRO B 156 -12.74 9.99 -11.04
C PRO B 156 -11.86 9.16 -10.15
N TRP B 157 -10.86 9.78 -9.51
CA TRP B 157 -9.99 9.07 -8.58
C TRP B 157 -10.81 8.58 -7.33
N LEU B 158 -12.03 9.08 -7.13
CA LEU B 158 -12.89 8.62 -6.05
C LEU B 158 -13.26 7.16 -6.22
N LYS B 159 -13.15 6.62 -7.46
CA LYS B 159 -13.50 5.23 -7.75
C LYS B 159 -12.50 4.23 -7.26
N HIS B 160 -11.22 4.64 -7.07
CA HIS B 160 -10.15 3.76 -6.63
C HIS B 160 -9.78 4.04 -5.17
N LYS C 1 22.26 -22.71 6.03
CA LYS C 1 20.92 -23.23 5.79
C LYS C 1 20.19 -22.26 4.87
N ARG C 2 19.70 -22.76 3.76
CA ARG C 2 19.08 -21.94 2.72
C ARG C 2 17.58 -21.86 2.88
N HIS C 3 16.99 -20.72 2.51
CA HIS C 3 15.52 -20.62 2.45
C HIS C 3 15.11 -20.70 0.99
N ARG C 4 13.83 -20.78 0.74
CA ARG C 4 13.28 -20.80 -0.60
C ARG C 4 12.29 -19.64 -0.72
N NLE C 5 11.71 -19.52 -1.91
CA NLE C 5 10.58 -18.65 -2.16
C NLE C 5 9.54 -19.59 -2.76
O NLE C 5 9.89 -20.48 -3.57
CB NLE C 5 10.85 -17.52 -3.13
CG NLE C 5 11.92 -16.54 -2.55
CD NLE C 5 12.40 -15.70 -3.74
CE NLE C 5 13.60 -14.84 -3.46
N VAL C 6 8.27 -19.46 -2.35
CA VAL C 6 7.22 -20.37 -2.84
C VAL C 6 6.00 -19.58 -3.16
N LEU C 7 5.42 -19.81 -4.37
CA LEU C 7 4.14 -19.18 -4.73
C LEU C 7 3.07 -20.12 -4.16
N ARG C 8 2.39 -19.67 -3.13
CA ARG C 8 1.42 -20.51 -2.42
C ARG C 8 0.04 -20.50 -3.05
N ARG D 2 -17.83 20.15 -6.72
CA ARG D 2 -17.14 19.83 -5.46
C ARG D 2 -17.61 18.49 -4.95
N HIS D 3 -16.69 17.70 -4.38
CA HIS D 3 -17.04 16.47 -3.65
C HIS D 3 -17.02 16.81 -2.17
N ARG D 4 -17.44 15.84 -1.36
CA ARG D 4 -17.30 15.99 0.08
C ARG D 4 -16.57 14.76 0.63
N NLE D 5 -16.43 14.71 1.95
CA NLE D 5 -15.98 13.54 2.65
C NLE D 5 -17.13 13.20 3.56
O NLE D 5 -17.79 14.11 4.08
CB NLE D 5 -14.73 13.71 3.44
CG NLE D 5 -13.52 14.07 2.51
CD NLE D 5 -12.52 14.75 3.50
CE NLE D 5 -11.27 15.02 2.67
N VAL D 6 -17.45 11.89 3.72
CA VAL D 6 -18.62 11.47 4.55
C VAL D 6 -18.22 10.26 5.33
N LEU D 7 -18.54 10.28 6.65
CA LEU D 7 -18.27 9.09 7.45
C LEU D 7 -19.47 8.17 7.23
N ARG D 8 -19.24 7.05 6.54
CA ARG D 8 -20.34 6.18 6.13
C ARG D 8 -20.84 5.30 7.26
N SAM E . 18.83 -8.40 -0.74
CA SAM E . 19.14 -9.32 -1.86
C SAM E . 20.53 -9.02 -2.54
O SAM E . 20.87 -9.79 -3.42
OXT SAM E . 21.16 -8.01 -2.13
CB SAM E . 18.03 -9.26 -2.94
CG SAM E . 16.84 -10.22 -2.60
SD SAM E . 17.35 -11.99 -2.63
CE SAM E . 16.05 -12.70 -3.55
C5' SAM E . 16.99 -12.71 -1.02
C4' SAM E . 17.95 -12.36 0.11
O4' SAM E . 17.72 -10.98 0.45
C3' SAM E . 17.61 -13.07 1.44
O3' SAM E . 18.17 -14.37 1.49
C2' SAM E . 18.29 -12.10 2.46
O2' SAM E . 19.70 -12.20 2.36
C1' SAM E . 17.88 -10.74 1.82
N9 SAM E . 16.59 -10.34 2.37
C8 SAM E . 15.32 -10.32 1.74
N7 SAM E . 14.39 -9.81 2.49
C5 SAM E . 14.99 -9.46 3.68
C6 SAM E . 14.49 -8.90 4.82
N6 SAM E . 13.19 -8.57 5.02
N1 SAM E . 15.37 -8.69 5.87
C2 SAM E . 16.67 -9.08 5.72
N3 SAM E . 17.25 -9.63 4.65
C4 SAM E . 16.36 -9.81 3.61
N SAM F . -4.00 16.54 -1.86
CA SAM F . -4.66 17.56 -0.97
C SAM F . -3.84 18.89 -0.89
O SAM F . -4.33 19.80 -0.23
OXT SAM F . -2.73 18.90 -1.54
CB SAM F . -4.87 17.03 0.45
CG SAM F . -6.15 16.15 0.57
SD SAM F . -7.65 17.19 0.36
CE SAM F . -8.67 16.82 1.73
C5' SAM F . -8.63 16.47 -0.95
C4' SAM F . -8.14 16.74 -2.39
O4' SAM F . -6.96 16.00 -2.61
C3' SAM F . -9.10 16.18 -3.47
O3' SAM F . -10.14 17.07 -3.74
C2' SAM F . -8.13 16.04 -4.65
O2' SAM F . -7.79 17.30 -5.16
C1' SAM F . -6.90 15.47 -3.93
N9 SAM F . -6.98 14.04 -3.87
C8 SAM F . -7.23 13.21 -2.73
N7 SAM F . -7.10 11.94 -2.98
C5 SAM F . -6.74 11.85 -4.32
C6 SAM F . -6.45 10.76 -5.15
N6 SAM F . -6.50 9.47 -4.77
N1 SAM F . -6.16 11.08 -6.48
C2 SAM F . -6.16 12.38 -6.87
N3 SAM F . -6.37 13.45 -6.21
C4 SAM F . -6.68 13.16 -4.88
#